data_7WYO
#
_entry.id   7WYO
#
_cell.length_a   59.721
_cell.length_b   70.697
_cell.length_c   85.394
_cell.angle_alpha   90.000
_cell.angle_beta   90.000
_cell.angle_gamma   90.000
#
_symmetry.space_group_name_H-M   'P 21 21 21'
#
loop_
_entity.id
_entity.type
_entity.pdbx_description
1 polymer '3C protein'
2 non-polymer N-methyl-N-(4,5,6,7-tetrahydro-1,3-benzothiazol-2-ylmethyl)prop-2-enamide
3 water water
#
_entity_poly.entity_id   1
_entity_poly.type   'polypeptide(L)'
_entity_poly.pdbx_seq_one_letter_code
;GSHMGPSLDFALSLLRRNVRQVQTDQGHFTMLGVRDRLAVLPRHSQPGKTIWIEHKLVNVLDAVELVDEQGVNLELTLIT
LDTNEKFRDITKFIPENISTASDATLVINTEHMPSMFVPVGDVVQYGFLNLSGKPTGRTMMYNFPTKAGQCGGVVTSVGK
IIGIHIGGNGRQGFCAGLKRSYFASEQ
;
_entity_poly.pdbx_strand_id   A,B
#
loop_
_chem_comp.id
_chem_comp.type
_chem_comp.name
_chem_comp.formula
G7F non-polymer N-methyl-N-(4,5,6,7-tetrahydro-1,3-benzothiazol-2-ylmethyl)prop-2-enamide 'C12 H16 N2 O S'
#
# COMPACT_ATOMS: atom_id res chain seq x y z
N GLY A 5 -16.73 7.53 -23.80
CA GLY A 5 -17.16 6.10 -23.82
C GLY A 5 -16.37 5.26 -22.84
N PRO A 6 -16.02 4.03 -23.22
CA PRO A 6 -15.31 3.16 -22.27
C PRO A 6 -13.94 3.67 -21.87
N SER A 7 -13.19 4.28 -22.81
CA SER A 7 -11.89 4.85 -22.47
C SER A 7 -12.05 5.92 -21.40
N LEU A 8 -12.99 6.85 -21.61
CA LEU A 8 -13.18 7.93 -20.64
C LEU A 8 -13.79 7.41 -19.35
N ASP A 9 -14.59 6.35 -19.41
CA ASP A 9 -15.11 5.73 -18.21
C ASP A 9 -13.97 5.31 -17.29
N PHE A 10 -12.96 4.63 -17.85
CA PHE A 10 -11.80 4.23 -17.07
C PHE A 10 -11.02 5.44 -16.57
N ALA A 11 -10.76 6.40 -17.45
CA ALA A 11 -10.01 7.59 -17.05
C ALA A 11 -10.73 8.33 -15.93
N LEU A 12 -12.06 8.44 -16.01
CA LEU A 12 -12.81 9.12 -14.96
C LEU A 12 -12.73 8.40 -13.64
N SER A 13 -12.83 7.07 -13.66
CA SER A 13 -12.73 6.32 -12.41
C SER A 13 -11.34 6.41 -11.81
N LEU A 14 -10.32 6.48 -12.66
CA LEU A 14 -8.96 6.65 -12.17
C LEU A 14 -8.81 8.01 -11.49
N LEU A 15 -9.29 9.07 -12.14
CA LEU A 15 -9.23 10.39 -11.52
C LEU A 15 -9.81 10.35 -10.12
N ARG A 16 -11.04 9.83 -10.00
CA ARG A 16 -11.77 9.91 -8.76
C ARG A 16 -11.02 9.26 -7.62
N ARG A 17 -10.39 8.12 -7.88
CA ARG A 17 -9.85 7.29 -6.82
CA ARG A 17 -9.84 7.31 -6.81
C ARG A 17 -8.32 7.36 -6.70
N ASN A 18 -7.63 7.88 -7.72
CA ASN A 18 -6.18 7.72 -7.75
C ASN A 18 -5.38 8.90 -8.27
N VAL A 19 -5.98 9.98 -8.72
CA VAL A 19 -5.23 11.09 -9.29
C VAL A 19 -5.49 12.32 -8.45
N ARG A 20 -4.44 12.91 -7.89
CA ARG A 20 -4.55 13.96 -6.91
C ARG A 20 -3.75 15.19 -7.28
N GLN A 21 -4.27 16.35 -6.88
CA GLN A 21 -3.61 17.62 -7.04
C GLN A 21 -2.59 17.81 -5.93
N VAL A 22 -1.36 18.13 -6.29
CA VAL A 22 -0.33 18.35 -5.29
C VAL A 22 0.44 19.63 -5.62
N GLN A 23 1.14 20.14 -4.62
CA GLN A 23 2.02 21.27 -4.80
C GLN A 23 3.31 21.03 -4.05
N THR A 24 4.45 21.20 -4.75
CA THR A 24 5.77 21.24 -4.13
C THR A 24 6.33 22.64 -4.29
N ASP A 25 7.57 22.84 -3.82
CA ASP A 25 8.22 24.12 -4.06
C ASP A 25 8.46 24.36 -5.55
N GLN A 26 8.42 23.32 -6.36
CA GLN A 26 8.60 23.42 -7.79
C GLN A 26 7.30 23.69 -8.54
N GLY A 27 6.16 23.70 -7.85
CA GLY A 27 4.92 24.04 -8.51
C GLY A 27 3.82 23.00 -8.30
N HIS A 28 2.90 23.01 -9.24
CA HIS A 28 1.66 22.25 -9.19
C HIS A 28 1.81 21.01 -10.04
N PHE A 29 1.41 19.87 -9.49
CA PHE A 29 1.62 18.61 -10.19
C PHE A 29 0.43 17.68 -10.01
N THR A 30 0.28 16.80 -11.00
CA THR A 30 -0.64 15.67 -10.96
C THR A 30 0.09 14.50 -10.33
N MET A 31 -0.50 13.92 -9.29
CA MET A 31 0.09 12.76 -8.63
C MET A 31 -0.78 11.53 -8.88
N LEU A 32 -0.16 10.43 -9.24
CA LEU A 32 -0.87 9.15 -9.37
C LEU A 32 -0.60 8.32 -8.11
N GLY A 33 -1.65 8.09 -7.32
CA GLY A 33 -1.58 7.10 -6.25
C GLY A 33 -1.69 5.73 -6.87
N VAL A 34 -0.78 4.85 -6.50
CA VAL A 34 -0.69 3.52 -7.13
C VAL A 34 -1.35 2.44 -6.29
N ARG A 35 -1.05 2.43 -4.99
CA ARG A 35 -1.61 1.47 -4.05
C ARG A 35 -1.13 1.92 -2.68
N ASP A 36 -1.85 1.50 -1.64
CA ASP A 36 -1.40 1.72 -0.26
C ASP A 36 -1.09 3.20 -0.11
N ARG A 37 0.10 3.56 0.36
CA ARG A 37 0.53 4.95 0.50
C ARG A 37 1.61 5.31 -0.51
N LEU A 38 1.67 4.56 -1.60
CA LEU A 38 2.68 4.71 -2.65
C LEU A 38 2.12 5.49 -3.82
N ALA A 39 2.82 6.53 -4.23
CA ALA A 39 2.41 7.37 -5.35
C ALA A 39 3.60 7.65 -6.24
N VAL A 40 3.32 8.14 -7.45
CA VAL A 40 4.36 8.50 -8.41
C VAL A 40 4.09 9.88 -9.00
N LEU A 41 5.19 10.60 -9.24
CA LEU A 41 5.19 11.97 -9.72
C LEU A 41 6.29 12.08 -10.75
N PRO A 42 6.20 13.05 -11.66
CA PRO A 42 7.37 13.36 -12.51
C PRO A 42 8.52 13.82 -11.63
N ARG A 43 9.74 13.44 -12.02
CA ARG A 43 10.89 13.72 -11.16
C ARG A 43 11.10 15.21 -10.95
N HIS A 44 10.76 16.04 -11.95
CA HIS A 44 11.01 17.48 -11.82
C HIS A 44 10.15 18.11 -10.71
N SER A 45 9.21 17.38 -10.13
CA SER A 45 8.46 17.91 -8.99
C SER A 45 9.32 18.04 -7.74
N GLN A 46 10.39 17.25 -7.65
CA GLN A 46 11.35 17.34 -6.55
CA GLN A 46 11.35 17.34 -6.55
C GLN A 46 10.65 17.43 -5.19
N PRO A 47 9.85 16.42 -4.84
CA PRO A 47 9.14 16.48 -3.55
C PRO A 47 10.12 16.57 -2.40
N GLY A 48 9.76 17.34 -1.39
CA GLY A 48 10.55 17.49 -0.19
C GLY A 48 10.08 16.58 0.93
N LYS A 49 10.44 16.97 2.15
CA LYS A 49 10.02 16.19 3.32
CA LYS A 49 10.02 16.22 3.34
C LYS A 49 8.53 16.35 3.61
N THR A 50 7.90 17.40 3.07
CA THR A 50 6.46 17.59 3.16
CA THR A 50 6.45 17.56 3.15
C THR A 50 5.93 17.95 1.77
N ILE A 51 4.65 17.71 1.55
CA ILE A 51 4.01 18.01 0.28
C ILE A 51 2.55 18.39 0.57
N TRP A 52 2.02 19.26 -0.26
CA TRP A 52 0.61 19.63 -0.21
C TRP A 52 -0.14 18.69 -1.15
N ILE A 53 -1.14 17.98 -0.62
CA ILE A 53 -1.97 17.08 -1.40
C ILE A 53 -3.42 17.47 -1.15
N GLU A 54 -4.12 17.90 -2.19
CA GLU A 54 -5.52 18.30 -2.07
C GLU A 54 -5.69 19.23 -0.87
N HIS A 55 -4.78 20.18 -0.74
CA HIS A 55 -4.85 21.27 0.23
C HIS A 55 -4.45 20.87 1.63
N LYS A 56 -3.94 19.66 1.81
CA LYS A 56 -3.53 19.16 3.13
CA LYS A 56 -3.53 19.17 3.13
C LYS A 56 -2.04 18.94 3.16
N LEU A 57 -1.42 19.20 4.31
CA LEU A 57 0.01 19.07 4.48
C LEU A 57 0.33 17.64 4.86
N VAL A 58 1.12 16.95 4.01
CA VAL A 58 1.41 15.53 4.17
C VAL A 58 2.91 15.33 4.24
N ASN A 59 3.36 14.54 5.21
CA ASN A 59 4.77 14.20 5.30
C ASN A 59 5.11 13.15 4.25
N VAL A 60 6.28 13.31 3.64
CA VAL A 60 6.80 12.34 2.68
C VAL A 60 7.80 11.47 3.44
N LEU A 61 7.50 10.19 3.55
CA LEU A 61 8.35 9.28 4.32
C LEU A 61 9.57 8.84 3.52
N ASP A 62 9.42 8.66 2.21
CA ASP A 62 10.50 8.19 1.36
C ASP A 62 10.25 8.75 -0.02
N ALA A 63 11.33 9.03 -0.74
CA ALA A 63 11.25 9.49 -2.13
C ALA A 63 12.39 8.84 -2.89
N VAL A 64 12.05 8.12 -3.96
CA VAL A 64 13.05 7.39 -4.75
C VAL A 64 12.92 7.83 -6.21
N GLU A 65 13.99 8.38 -6.76
CA GLU A 65 14.04 8.73 -8.18
C GLU A 65 14.50 7.50 -8.96
N LEU A 66 13.66 7.04 -9.87
CA LEU A 66 13.91 5.80 -10.57
C LEU A 66 14.89 5.99 -11.74
N VAL A 67 15.78 5.01 -11.89
CA VAL A 67 16.75 4.95 -12.98
C VAL A 67 16.69 3.54 -13.56
N ASP A 68 17.20 3.40 -14.79
CA ASP A 68 17.27 2.09 -15.42
C ASP A 68 18.53 1.35 -14.96
N GLU A 69 18.85 0.24 -15.61
CA GLU A 69 19.98 -0.56 -15.18
C GLU A 69 21.32 0.05 -15.56
N GLN A 70 21.33 1.11 -16.33
CA GLN A 70 22.53 1.91 -16.57
C GLN A 70 22.58 3.15 -15.69
N GLY A 71 21.62 3.32 -14.80
CA GLY A 71 21.53 4.55 -14.05
C GLY A 71 20.98 5.72 -14.81
N VAL A 72 20.39 5.50 -15.96
CA VAL A 72 19.81 6.58 -16.74
C VAL A 72 18.47 6.99 -16.12
N ASN A 73 18.29 8.31 -15.98
CA ASN A 73 17.07 8.86 -15.45
C ASN A 73 15.84 8.34 -16.18
N LEU A 74 14.84 7.93 -15.40
CA LEU A 74 13.51 7.63 -15.92
C LEU A 74 12.50 8.74 -15.69
N GLU A 75 12.88 9.82 -15.00
CA GLU A 75 12.05 11.00 -14.78
C GLU A 75 10.80 10.66 -13.95
N LEU A 76 10.89 9.66 -13.10
CA LEU A 76 9.82 9.26 -12.20
C LEU A 76 10.33 9.28 -10.77
N THR A 77 9.53 9.78 -9.84
CA THR A 77 9.86 9.72 -8.42
C THR A 77 8.73 9.01 -7.70
N LEU A 78 9.07 7.93 -7.00
CA LEU A 78 8.14 7.20 -6.16
C LEU A 78 8.20 7.78 -4.75
N ILE A 79 7.04 8.11 -4.21
CA ILE A 79 6.97 8.64 -2.85
C ILE A 79 6.05 7.77 -2.00
N THR A 80 6.39 7.65 -0.73
CA THR A 80 5.56 6.99 0.26
C THR A 80 5.04 8.06 1.22
N LEU A 81 3.73 8.11 1.38
CA LEU A 81 3.09 9.20 2.10
C LEU A 81 2.76 8.78 3.52
N ASP A 82 2.84 9.76 4.42
CA ASP A 82 2.53 9.55 5.83
C ASP A 82 1.04 9.76 5.99
N THR A 83 0.27 8.69 5.79
CA THR A 83 -1.17 8.80 5.91
C THR A 83 -1.75 7.45 6.29
N ASN A 84 -2.98 7.49 6.79
CA ASN A 84 -3.73 6.27 7.06
CA ASN A 84 -3.73 6.27 7.06
C ASN A 84 -4.51 5.81 5.84
N GLU A 85 -5.00 6.75 5.03
CA GLU A 85 -5.78 6.41 3.85
C GLU A 85 -4.92 5.61 2.87
N LYS A 86 -5.59 4.82 2.05
CA LYS A 86 -4.93 3.98 1.08
C LYS A 86 -5.54 4.20 -0.29
N PHE A 87 -4.68 4.25 -1.29
CA PHE A 87 -5.16 4.35 -2.66
C PHE A 87 -5.74 3.00 -3.06
N ARG A 88 -6.79 3.03 -3.86
CA ARG A 88 -7.19 1.83 -4.55
C ARG A 88 -5.99 1.30 -5.32
N ASP A 89 -5.76 -0.01 -5.25
CA ASP A 89 -4.62 -0.62 -5.93
C ASP A 89 -4.93 -0.71 -7.42
N ILE A 90 -4.18 0.04 -8.23
CA ILE A 90 -4.39 0.06 -9.66
C ILE A 90 -3.25 -0.62 -10.41
N THR A 91 -2.36 -1.31 -9.71
CA THR A 91 -1.20 -1.89 -10.37
C THR A 91 -1.59 -2.90 -11.46
N LYS A 92 -2.75 -3.57 -11.30
CA LYS A 92 -3.17 -4.52 -12.35
C LYS A 92 -3.50 -3.82 -13.66
N PHE A 93 -3.67 -2.51 -13.65
CA PHE A 93 -3.92 -1.73 -14.86
C PHE A 93 -2.63 -1.17 -15.45
N ILE A 94 -1.52 -1.32 -14.76
CA ILE A 94 -0.22 -0.90 -15.28
C ILE A 94 0.39 -2.11 -15.99
N PRO A 95 0.75 -2.00 -17.25
CA PRO A 95 1.23 -3.18 -17.98
C PRO A 95 2.57 -3.67 -17.48
N GLU A 96 2.83 -4.96 -17.73
CA GLU A 96 4.10 -5.55 -17.32
C GLU A 96 5.25 -4.98 -18.11
N ASN A 97 5.03 -4.70 -19.40
CA ASN A 97 6.00 -4.05 -20.26
C ASN A 97 5.44 -2.71 -20.71
N ILE A 98 6.32 -1.74 -20.88
CA ILE A 98 5.89 -0.42 -21.36
C ILE A 98 5.11 -0.60 -22.64
N SER A 99 3.93 0.02 -22.72
CA SER A 99 3.01 -0.25 -23.81
CA SER A 99 2.99 -0.25 -23.80
C SER A 99 2.60 1.04 -24.51
N THR A 100 2.54 0.98 -25.83
CA THR A 100 1.97 2.05 -26.63
C THR A 100 0.46 1.98 -26.56
N ALA A 101 -0.19 2.92 -27.24
CA ALA A 101 -1.65 2.90 -27.27
C ALA A 101 -2.15 3.79 -28.38
N SER A 102 -3.40 3.53 -28.79
CA SER A 102 -4.17 4.43 -29.62
C SER A 102 -5.24 5.07 -28.75
N ASP A 103 -5.76 6.20 -29.21
CA ASP A 103 -6.86 6.88 -28.54
C ASP A 103 -6.58 7.02 -27.04
N ALA A 104 -5.40 7.54 -26.72
CA ALA A 104 -5.02 7.74 -25.34
C ALA A 104 -5.52 9.09 -24.83
N THR A 105 -5.77 9.14 -23.53
CA THR A 105 -6.22 10.35 -22.85
C THR A 105 -5.22 10.69 -21.76
N LEU A 106 -4.83 11.95 -21.69
CA LEU A 106 -3.94 12.44 -20.65
C LEU A 106 -4.79 13.09 -19.57
N VAL A 107 -4.66 12.62 -18.34
CA VAL A 107 -5.42 13.13 -17.20
C VAL A 107 -4.48 14.05 -16.40
N ILE A 108 -4.81 15.31 -16.40
CA ILE A 108 -4.12 16.32 -15.60
C ILE A 108 -5.03 16.75 -14.46
N ASN A 109 -4.45 16.90 -13.27
CA ASN A 109 -5.27 17.30 -12.11
C ASN A 109 -4.38 18.09 -11.17
N THR A 110 -4.43 19.42 -11.31
CA THR A 110 -3.73 20.33 -10.40
C THR A 110 -4.73 21.39 -9.93
N GLU A 111 -4.29 22.17 -8.94
CA GLU A 111 -5.19 23.23 -8.44
C GLU A 111 -5.57 24.21 -9.53
N HIS A 112 -4.63 24.55 -10.42
CA HIS A 112 -4.92 25.52 -11.47
C HIS A 112 -5.49 24.91 -12.72
N MET A 113 -5.39 23.59 -12.88
CA MET A 113 -5.96 22.86 -14.02
C MET A 113 -6.62 21.60 -13.46
N PRO A 114 -7.77 21.75 -12.79
CA PRO A 114 -8.39 20.60 -12.13
C PRO A 114 -9.10 19.68 -13.11
N SER A 115 -9.01 18.39 -12.84
CA SER A 115 -9.82 17.38 -13.50
C SER A 115 -9.91 17.61 -15.00
N MET A 116 -8.76 17.63 -15.65
CA MET A 116 -8.63 17.97 -17.05
C MET A 116 -8.25 16.72 -17.85
N PHE A 117 -9.04 16.41 -18.87
CA PHE A 117 -8.83 15.28 -19.76
C PHE A 117 -8.48 15.79 -21.13
N VAL A 118 -7.34 15.35 -21.65
CA VAL A 118 -6.80 15.83 -22.91
C VAL A 118 -6.64 14.64 -23.85
N PRO A 119 -7.37 14.59 -24.97
CA PRO A 119 -7.15 13.53 -25.96
C PRO A 119 -5.82 13.78 -26.65
N VAL A 120 -4.90 12.83 -26.56
CA VAL A 120 -3.60 12.98 -27.20
C VAL A 120 -3.45 12.06 -28.40
N GLY A 121 -4.32 11.08 -28.56
CA GLY A 121 -4.25 10.20 -29.71
C GLY A 121 -3.27 9.06 -29.51
N ASP A 122 -2.48 8.79 -30.55
CA ASP A 122 -1.56 7.67 -30.51
C ASP A 122 -0.33 8.00 -29.68
N VAL A 123 0.09 7.04 -28.89
CA VAL A 123 1.28 7.14 -28.05
C VAL A 123 2.26 6.10 -28.60
N VAL A 124 3.43 6.56 -29.03
CA VAL A 124 4.37 5.72 -29.78
C VAL A 124 5.68 5.60 -29.03
N GLN A 125 6.37 4.48 -29.24
CA GLN A 125 7.66 4.29 -28.60
C GLN A 125 8.64 5.33 -29.09
N TYR A 126 9.44 5.87 -28.17
CA TYR A 126 10.46 6.84 -28.54
C TYR A 126 11.80 6.39 -27.98
N GLY A 127 11.87 6.12 -26.70
CA GLY A 127 13.06 5.60 -26.08
C GLY A 127 13.91 6.64 -25.38
N PHE A 128 15.15 6.79 -25.81
CA PHE A 128 16.05 7.74 -25.20
C PHE A 128 15.77 9.16 -25.70
N LEU A 129 15.73 10.09 -24.76
CA LEU A 129 15.35 11.46 -25.03
C LEU A 129 16.15 12.36 -24.12
N ASN A 130 16.71 13.44 -24.66
CA ASN A 130 17.38 14.43 -23.82
C ASN A 130 16.35 15.47 -23.43
N LEU A 131 15.88 15.38 -22.19
CA LEU A 131 14.76 16.17 -21.69
C LEU A 131 15.34 17.35 -20.92
N SER A 132 15.38 18.52 -21.57
CA SER A 132 15.85 19.74 -20.92
C SER A 132 17.27 19.58 -20.37
N GLY A 133 18.10 18.89 -21.14
CA GLY A 133 19.49 18.68 -20.77
C GLY A 133 19.75 17.42 -19.99
N LYS A 134 18.71 16.69 -19.59
CA LYS A 134 18.88 15.49 -18.79
CA LYS A 134 18.88 15.48 -18.78
C LYS A 134 18.59 14.25 -19.64
N PRO A 135 19.59 13.44 -19.97
CA PRO A 135 19.29 12.19 -20.70
C PRO A 135 18.29 11.34 -19.94
N THR A 136 17.26 10.88 -20.64
CA THR A 136 16.18 10.11 -20.06
C THR A 136 15.92 8.88 -20.91
N GLY A 137 15.42 7.83 -20.27
CA GLY A 137 15.12 6.61 -20.96
C GLY A 137 13.67 6.22 -20.92
N ARG A 138 13.26 5.30 -21.79
CA ARG A 138 11.97 4.62 -21.75
C ARG A 138 10.81 5.60 -21.95
N THR A 139 10.99 6.56 -22.83
CA THR A 139 9.94 7.55 -23.11
C THR A 139 9.05 7.11 -24.29
N MET A 140 7.85 7.66 -24.30
CA MET A 140 6.93 7.57 -25.44
C MET A 140 6.49 8.98 -25.82
N MET A 141 5.99 9.12 -27.06
CA MET A 141 5.73 10.40 -27.69
C MET A 141 4.31 10.47 -28.23
N TYR A 142 3.70 11.66 -28.15
CA TYR A 142 2.36 11.90 -28.66
C TYR A 142 2.25 13.36 -29.05
N ASN A 143 1.19 13.68 -29.78
CA ASN A 143 0.91 15.08 -30.14
C ASN A 143 0.42 15.83 -28.90
N PHE A 144 1.05 16.96 -28.62
CA PHE A 144 0.68 17.74 -27.44
C PHE A 144 1.26 19.13 -27.59
N PRO A 145 0.62 19.99 -28.39
CA PRO A 145 1.21 21.29 -28.76
C PRO A 145 1.03 22.36 -27.68
N THR A 146 1.79 22.22 -26.59
CA THR A 146 1.86 23.23 -25.54
C THR A 146 3.31 23.37 -25.10
N LYS A 147 3.67 24.57 -24.67
CA LYS A 147 4.95 24.80 -24.02
C LYS A 147 4.85 24.76 -22.50
N ALA A 148 3.67 24.46 -21.95
CA ALA A 148 3.47 24.52 -20.51
C ALA A 148 3.08 23.18 -19.90
N GLY A 149 3.45 22.07 -20.55
CA GLY A 149 3.12 20.74 -20.04
C GLY A 149 4.07 20.22 -18.98
N GLN A 150 4.22 20.96 -17.90
CA GLN A 150 5.23 20.73 -16.89
C GLN A 150 4.62 20.38 -15.55
N CYS A 151 3.42 19.78 -15.56
CA CYS A 151 2.65 19.47 -14.35
C CYS A 151 2.43 17.97 -14.19
N GLY A 152 3.14 17.14 -14.92
CA GLY A 152 2.82 15.72 -14.87
C GLY A 152 1.53 15.48 -15.66
N GLY A 153 0.90 14.36 -15.37
CA GLY A 153 -0.29 13.93 -16.06
C GLY A 153 -0.20 12.43 -16.25
N VAL A 154 -1.35 11.77 -16.25
CA VAL A 154 -1.40 10.30 -16.34
C VAL A 154 -1.92 9.94 -17.71
N VAL A 155 -1.13 9.17 -18.47
CA VAL A 155 -1.51 8.77 -19.81
C VAL A 155 -2.23 7.44 -19.70
N THR A 156 -3.45 7.39 -20.23
CA THR A 156 -4.27 6.18 -20.13
C THR A 156 -4.85 5.81 -21.48
N SER A 157 -5.10 4.53 -21.65
CA SER A 157 -5.96 4.02 -22.72
C SER A 157 -6.98 3.12 -22.06
N VAL A 158 -7.84 2.49 -22.88
CA VAL A 158 -8.89 1.63 -22.35
C VAL A 158 -8.31 0.65 -21.33
N GLY A 159 -8.55 0.91 -20.06
CA GLY A 159 -8.17 -0.02 -19.01
C GLY A 159 -6.69 -0.15 -18.77
N LYS A 160 -5.88 0.78 -19.27
CA LYS A 160 -4.44 0.71 -19.07
C LYS A 160 -3.89 2.06 -18.67
N ILE A 161 -2.92 2.03 -17.76
CA ILE A 161 -2.21 3.21 -17.29
C ILE A 161 -0.80 3.07 -17.82
N ILE A 162 -0.41 3.90 -18.79
CA ILE A 162 0.79 3.62 -19.57
C ILE A 162 1.93 4.60 -19.37
N GLY A 163 1.71 5.75 -18.75
CA GLY A 163 2.78 6.73 -18.69
C GLY A 163 2.46 7.89 -17.78
N ILE A 164 3.51 8.62 -17.44
CA ILE A 164 3.45 9.87 -16.71
C ILE A 164 4.03 10.96 -17.62
N HIS A 165 3.25 12.00 -17.86
CA HIS A 165 3.70 13.05 -18.74
C HIS A 165 4.86 13.84 -18.14
N ILE A 166 5.95 13.98 -18.89
CA ILE A 166 7.16 14.60 -18.35
C ILE A 166 7.60 15.86 -19.06
N GLY A 167 7.05 16.19 -20.20
CA GLY A 167 7.40 17.44 -20.87
C GLY A 167 7.19 17.31 -22.36
N GLY A 168 7.78 18.25 -23.09
CA GLY A 168 7.58 18.26 -24.52
C GLY A 168 8.43 19.31 -25.19
N ASN A 169 8.27 19.41 -26.51
CA ASN A 169 9.03 20.35 -27.32
C ASN A 169 8.15 21.44 -27.91
N GLY A 170 6.94 21.58 -27.46
CA GLY A 170 5.99 22.53 -27.99
C GLY A 170 5.10 22.00 -29.07
N ARG A 171 5.43 20.84 -29.64
CA ARG A 171 4.62 20.19 -30.66
C ARG A 171 4.21 18.81 -30.20
N GLN A 172 5.18 18.00 -29.81
CA GLN A 172 4.93 16.72 -29.21
C GLN A 172 5.15 16.77 -27.71
N GLY A 173 4.45 15.92 -27.01
CA GLY A 173 4.71 15.65 -25.61
C GLY A 173 5.34 14.28 -25.43
N PHE A 174 5.94 14.05 -24.26
CA PHE A 174 6.59 12.79 -23.96
C PHE A 174 6.18 12.34 -22.57
N CYS A 175 6.06 11.04 -22.39
CA CYS A 175 5.79 10.45 -21.11
C CYS A 175 6.89 9.47 -20.74
N ALA A 176 7.12 9.34 -19.45
CA ALA A 176 7.89 8.22 -18.91
C ALA A 176 6.99 7.01 -18.91
N GLY A 177 7.37 5.93 -19.60
CA GLY A 177 6.54 4.76 -19.61
C GLY A 177 6.43 4.13 -18.25
N LEU A 178 5.26 3.57 -17.95
CA LEU A 178 5.07 2.85 -16.70
C LEU A 178 5.09 1.35 -16.91
N LYS A 179 5.81 0.66 -16.03
CA LYS A 179 5.85 -0.79 -15.95
C LYS A 179 5.43 -1.22 -14.55
N ARG A 180 4.76 -2.38 -14.44
CA ARG A 180 4.24 -2.81 -13.16
C ARG A 180 5.35 -3.03 -12.14
N SER A 181 6.52 -3.49 -12.60
CA SER A 181 7.61 -3.81 -11.68
C SER A 181 8.13 -2.60 -10.92
N TYR A 182 7.93 -1.38 -11.43
CA TYR A 182 8.37 -0.21 -10.71
C TYR A 182 7.73 -0.15 -9.33
N PHE A 183 6.53 -0.71 -9.20
CA PHE A 183 5.69 -0.55 -8.01
C PHE A 183 5.60 -1.83 -7.21
N ALA A 184 6.40 -2.82 -7.53
CA ALA A 184 6.30 -4.14 -6.88
C ALA A 184 6.57 -4.07 -5.38
N SER B 7 -13.94 -19.16 26.32
CA SER B 7 -13.55 -17.88 25.75
C SER B 7 -12.23 -17.40 26.34
N LEU B 8 -12.20 -17.16 27.65
CA LEU B 8 -10.94 -16.75 28.29
C LEU B 8 -9.94 -17.89 28.26
N ASP B 9 -10.40 -19.14 28.42
CA ASP B 9 -9.47 -20.26 28.37
C ASP B 9 -8.84 -20.38 27.00
N PHE B 10 -9.62 -20.16 25.93
CA PHE B 10 -9.05 -20.21 24.58
C PHE B 10 -8.03 -19.08 24.40
N ALA B 11 -8.37 -17.88 24.83
CA ALA B 11 -7.45 -16.76 24.67
C ALA B 11 -6.17 -16.99 25.46
N LEU B 12 -6.27 -17.55 26.65
CA LEU B 12 -5.08 -17.81 27.46
C LEU B 12 -4.20 -18.86 26.79
N SER B 13 -4.80 -19.94 26.28
CA SER B 13 -4.02 -20.96 25.59
C SER B 13 -3.37 -20.39 24.34
N LEU B 14 -4.08 -19.51 23.64
CA LEU B 14 -3.53 -18.88 22.45
C LEU B 14 -2.35 -18.00 22.79
N LEU B 15 -2.47 -17.18 23.85
CA LEU B 15 -1.34 -16.39 24.32
C LEU B 15 -0.14 -17.28 24.58
N ARG B 16 -0.35 -18.33 25.38
CA ARG B 16 0.79 -19.12 25.85
C ARG B 16 1.44 -19.90 24.73
N ARG B 17 0.66 -20.44 23.81
CA ARG B 17 1.22 -21.31 22.78
C ARG B 17 1.50 -20.62 21.46
N ASN B 18 0.92 -19.43 21.19
CA ASN B 18 0.98 -18.88 19.83
C ASN B 18 1.22 -17.39 19.72
N VAL B 19 1.13 -16.59 20.77
CA VAL B 19 1.22 -15.14 20.62
C VAL B 19 2.51 -14.66 21.27
N ARG B 20 3.35 -13.99 20.47
CA ARG B 20 4.69 -13.67 20.91
C ARG B 20 4.99 -12.18 20.76
N GLN B 21 5.87 -11.69 21.63
CA GLN B 21 6.34 -10.31 21.57
C GLN B 21 7.41 -10.18 20.51
N VAL B 22 7.25 -9.21 19.61
CA VAL B 22 8.26 -8.99 18.59
C VAL B 22 8.64 -7.52 18.53
N GLN B 23 9.81 -7.28 17.98
CA GLN B 23 10.28 -5.93 17.70
C GLN B 23 10.95 -5.97 16.33
N THR B 24 10.55 -5.04 15.47
CA THR B 24 11.24 -4.76 14.22
C THR B 24 11.79 -3.33 14.28
N ASP B 25 12.37 -2.89 13.16
CA ASP B 25 12.81 -1.50 13.06
C ASP B 25 11.64 -0.52 13.21
N GLN B 26 10.41 -0.97 12.97
CA GLN B 26 9.24 -0.12 13.07
C GLN B 26 8.64 -0.11 14.47
N GLY B 27 9.15 -0.90 15.40
CA GLY B 27 8.74 -0.88 16.78
C GLY B 27 8.25 -2.21 17.31
N HIS B 28 7.41 -2.15 18.34
CA HIS B 28 6.93 -3.33 19.04
C HIS B 28 5.60 -3.79 18.48
N PHE B 29 5.47 -5.10 18.29
CA PHE B 29 4.25 -5.67 17.74
C PHE B 29 3.92 -6.99 18.42
N THR B 30 2.64 -7.35 18.39
CA THR B 30 2.17 -8.67 18.72
C THR B 30 2.21 -9.52 17.47
N MET B 31 2.76 -10.74 17.59
CA MET B 31 2.85 -11.68 16.48
C MET B 31 2.07 -12.94 16.78
N LEU B 32 1.34 -13.42 15.79
CA LEU B 32 0.59 -14.68 15.92
C LEU B 32 1.34 -15.78 15.16
N GLY B 33 1.83 -16.77 15.89
CA GLY B 33 2.32 -17.99 15.28
C GLY B 33 1.17 -18.81 14.75
N VAL B 34 1.22 -19.17 13.48
CA VAL B 34 0.11 -19.82 12.79
C VAL B 34 0.22 -21.34 12.78
N ARG B 35 1.37 -21.85 12.35
CA ARG B 35 1.63 -23.28 12.34
CA ARG B 35 1.63 -23.27 12.31
C ARG B 35 3.09 -23.47 11.93
N ASP B 36 3.69 -24.55 12.46
CA ASP B 36 5.09 -24.86 12.21
CA ASP B 36 5.10 -24.87 12.24
C ASP B 36 5.97 -23.62 12.36
N ARG B 37 6.60 -23.17 11.27
CA ARG B 37 7.46 -22.01 11.35
C ARG B 37 6.87 -20.75 10.75
N LEU B 38 5.56 -20.76 10.46
CA LEU B 38 4.86 -19.62 9.86
C LEU B 38 4.19 -18.76 10.94
N ALA B 39 4.36 -17.46 10.83
CA ALA B 39 3.72 -16.49 11.71
C ALA B 39 3.23 -15.32 10.88
N VAL B 40 2.28 -14.60 11.44
CA VAL B 40 1.69 -13.45 10.77
C VAL B 40 1.84 -12.19 11.63
N LEU B 41 2.09 -11.09 10.96
CA LEU B 41 2.35 -9.77 11.54
C LEU B 41 1.62 -8.73 10.72
N PRO B 42 1.31 -7.57 11.31
CA PRO B 42 0.87 -6.44 10.48
C PRO B 42 1.94 -6.11 9.44
N ARG B 43 1.46 -5.76 8.24
CA ARG B 43 2.37 -5.40 7.16
C ARG B 43 3.24 -4.21 7.53
N HIS B 44 2.70 -3.25 8.28
CA HIS B 44 3.48 -2.06 8.60
CA HIS B 44 3.48 -2.06 8.60
C HIS B 44 4.61 -2.33 9.60
N SER B 45 4.68 -3.53 10.18
CA SER B 45 5.86 -3.88 10.96
C SER B 45 7.10 -4.03 10.08
N GLN B 46 6.92 -4.23 8.78
CA GLN B 46 8.00 -4.32 7.80
CA GLN B 46 8.00 -4.32 7.80
C GLN B 46 9.13 -5.21 8.31
N PRO B 47 8.87 -6.48 8.60
CA PRO B 47 9.94 -7.36 9.07
C PRO B 47 11.05 -7.45 8.04
N GLY B 48 12.28 -7.45 8.54
CA GLY B 48 13.46 -7.56 7.69
C GLY B 48 13.95 -8.99 7.59
N LYS B 49 15.26 -9.13 7.39
CA LYS B 49 15.87 -10.45 7.27
C LYS B 49 16.11 -11.09 8.63
N THR B 50 16.04 -10.31 9.70
CA THR B 50 16.01 -10.81 11.07
CA THR B 50 16.00 -10.82 11.06
C THR B 50 14.93 -10.04 11.81
N ILE B 51 14.45 -10.62 12.91
CA ILE B 51 13.43 -10.03 13.77
C ILE B 51 13.72 -10.46 15.20
N TRP B 52 13.34 -9.62 16.16
CA TRP B 52 13.50 -9.95 17.56
C TRP B 52 12.19 -10.56 18.06
N ILE B 53 12.26 -11.80 18.51
CA ILE B 53 11.13 -12.52 19.08
C ILE B 53 11.47 -12.85 20.52
N GLU B 54 10.72 -12.28 21.46
CA GLU B 54 10.96 -12.49 22.89
C GLU B 54 12.41 -12.19 23.23
N HIS B 55 12.91 -11.09 22.68
CA HIS B 55 14.26 -10.57 22.92
C HIS B 55 15.36 -11.43 22.31
N LYS B 56 15.01 -12.35 21.41
CA LYS B 56 15.97 -13.18 20.71
CA LYS B 56 15.96 -13.18 20.71
C LYS B 56 15.96 -12.86 19.22
N LEU B 57 17.16 -12.80 18.64
CA LEU B 57 17.25 -12.53 17.20
C LEU B 57 16.97 -13.79 16.43
N VAL B 58 16.03 -13.71 15.49
CA VAL B 58 15.59 -14.85 14.70
C VAL B 58 15.65 -14.47 13.21
N ASN B 59 16.22 -15.36 12.40
CA ASN B 59 16.28 -15.10 10.97
C ASN B 59 14.91 -15.27 10.34
N VAL B 60 14.56 -14.36 9.43
CA VAL B 60 13.34 -14.43 8.65
C VAL B 60 13.72 -15.01 7.29
N LEU B 61 13.29 -16.23 7.02
CA LEU B 61 13.68 -16.94 5.80
C LEU B 61 12.81 -16.61 4.62
N ASP B 62 11.59 -16.14 4.84
CA ASP B 62 10.71 -15.73 3.75
C ASP B 62 9.66 -14.82 4.34
N ALA B 63 9.14 -13.94 3.50
CA ALA B 63 8.06 -13.02 3.89
C ALA B 63 7.22 -12.80 2.67
N VAL B 64 5.90 -12.95 2.80
CA VAL B 64 5.00 -12.82 1.67
C VAL B 64 3.80 -11.99 2.08
N GLU B 65 3.25 -11.25 1.11
CA GLU B 65 2.01 -10.53 1.30
C GLU B 65 0.86 -11.52 1.45
N LEU B 66 0.00 -11.29 2.43
CA LEU B 66 -1.25 -12.01 2.52
C LEU B 66 -2.28 -11.29 1.64
N VAL B 67 -3.02 -12.08 0.85
CA VAL B 67 -3.92 -11.55 -0.17
C VAL B 67 -5.19 -12.38 -0.18
N ASP B 68 -6.29 -11.76 -0.59
CA ASP B 68 -7.58 -12.43 -0.64
C ASP B 68 -7.74 -13.14 -1.98
N GLU B 69 -8.94 -13.70 -2.23
CA GLU B 69 -9.15 -14.46 -3.46
C GLU B 69 -9.10 -13.57 -4.69
N GLN B 70 -9.41 -12.28 -4.55
CA GLN B 70 -9.31 -11.33 -5.65
C GLN B 70 -7.93 -10.68 -5.75
N GLY B 71 -6.99 -11.08 -4.91
CA GLY B 71 -5.64 -10.52 -4.97
C GLY B 71 -5.43 -9.24 -4.21
N VAL B 72 -6.40 -8.83 -3.39
CA VAL B 72 -6.28 -7.59 -2.63
C VAL B 72 -5.39 -7.83 -1.42
N ASN B 73 -4.45 -6.92 -1.17
CA ASN B 73 -3.58 -7.01 -0.01
C ASN B 73 -4.39 -6.86 1.27
N LEU B 74 -4.09 -7.72 2.25
CA LEU B 74 -4.84 -7.76 3.50
C LEU B 74 -4.17 -7.00 4.63
N GLU B 75 -3.06 -6.31 4.36
CA GLU B 75 -2.30 -5.56 5.35
C GLU B 75 -1.64 -6.47 6.39
N LEU B 76 -1.42 -7.70 6.03
CA LEU B 76 -0.72 -8.65 6.90
C LEU B 76 0.40 -9.29 6.09
N THR B 77 1.47 -9.66 6.77
CA THR B 77 2.62 -10.32 6.17
C THR B 77 2.80 -11.66 6.86
N LEU B 78 2.97 -12.71 6.06
CA LEU B 78 3.23 -14.05 6.57
C LEU B 78 4.72 -14.33 6.44
N ILE B 79 5.38 -14.57 7.56
CA ILE B 79 6.82 -14.79 7.60
C ILE B 79 7.11 -16.23 7.98
N THR B 80 8.20 -16.74 7.41
CA THR B 80 8.73 -18.06 7.73
C THR B 80 9.97 -17.85 8.59
N LEU B 81 9.97 -18.45 9.77
CA LEU B 81 11.01 -18.20 10.75
C LEU B 81 12.03 -19.33 10.79
N ASP B 82 13.28 -18.96 11.05
CA ASP B 82 14.37 -19.92 11.26
C ASP B 82 14.40 -20.31 12.74
N THR B 83 13.41 -21.10 13.12
CA THR B 83 13.29 -21.59 14.49
C THR B 83 13.23 -23.11 14.46
N ASN B 84 13.69 -23.71 15.56
CA ASN B 84 13.59 -25.16 15.70
C ASN B 84 12.21 -25.56 16.18
N GLU B 85 11.56 -24.69 16.96
CA GLU B 85 10.23 -24.96 17.48
C GLU B 85 9.19 -24.86 16.37
N LYS B 86 8.13 -25.66 16.50
CA LYS B 86 6.97 -25.58 15.63
C LYS B 86 5.82 -24.99 16.43
N PHE B 87 5.15 -23.99 15.86
CA PHE B 87 3.92 -23.49 16.47
C PHE B 87 2.81 -24.52 16.35
N ARG B 88 2.05 -24.68 17.43
CA ARG B 88 0.78 -25.39 17.34
C ARG B 88 -0.06 -24.78 16.23
N ASP B 89 -0.64 -25.63 15.39
CA ASP B 89 -1.39 -25.18 14.23
C ASP B 89 -2.73 -24.67 14.71
N ILE B 90 -2.97 -23.37 14.55
CA ILE B 90 -4.24 -22.77 14.97
C ILE B 90 -5.16 -22.49 13.82
N THR B 91 -4.84 -22.96 12.60
CA THR B 91 -5.68 -22.59 11.46
C THR B 91 -7.11 -23.11 11.60
N LYS B 92 -7.31 -24.22 12.30
CA LYS B 92 -8.65 -24.74 12.49
C LYS B 92 -9.52 -23.80 13.30
N PHE B 93 -8.91 -22.88 14.04
CA PHE B 93 -9.65 -21.90 14.83
C PHE B 93 -9.95 -20.63 14.05
N ILE B 94 -9.50 -20.54 12.81
CA ILE B 94 -9.79 -19.38 11.96
C ILE B 94 -11.07 -19.71 11.21
N PRO B 95 -12.09 -18.87 11.24
CA PRO B 95 -13.37 -19.24 10.61
C PRO B 95 -13.25 -19.33 9.10
N GLU B 96 -14.17 -20.09 8.50
CA GLU B 96 -14.18 -20.20 7.05
C GLU B 96 -14.52 -18.88 6.38
N ASN B 97 -15.33 -18.04 7.03
CA ASN B 97 -15.68 -16.75 6.48
C ASN B 97 -15.41 -15.65 7.50
N ILE B 98 -15.16 -14.44 6.97
CA ILE B 98 -14.96 -13.28 7.83
CA ILE B 98 -14.97 -13.27 7.83
C ILE B 98 -16.17 -13.14 8.76
N SER B 99 -15.90 -12.97 10.04
CA SER B 99 -16.93 -13.06 11.06
CA SER B 99 -16.95 -13.05 11.06
C SER B 99 -16.97 -11.82 11.94
N THR B 100 -18.17 -11.30 12.18
CA THR B 100 -18.41 -10.34 13.25
C THR B 100 -18.47 -11.08 14.59
N ALA B 101 -18.59 -10.34 15.68
CA ALA B 101 -18.63 -10.92 17.00
C ALA B 101 -19.40 -10.00 17.93
N SER B 102 -20.06 -10.59 18.93
CA SER B 102 -20.74 -9.81 19.94
C SER B 102 -19.87 -9.55 21.16
N ASP B 103 -18.93 -10.47 21.45
CA ASP B 103 -18.04 -10.35 22.61
C ASP B 103 -16.67 -10.87 22.19
N ALA B 104 -15.80 -9.97 21.83
CA ALA B 104 -14.44 -10.32 21.40
C ALA B 104 -13.44 -9.88 22.46
N THR B 105 -12.33 -10.61 22.52
CA THR B 105 -11.20 -10.30 23.39
C THR B 105 -9.94 -10.22 22.55
N LEU B 106 -9.23 -9.11 22.67
CA LEU B 106 -7.96 -8.92 21.97
C LEU B 106 -6.85 -9.49 22.85
N VAL B 107 -5.97 -10.27 22.25
CA VAL B 107 -4.76 -10.76 22.92
C VAL B 107 -3.60 -9.91 22.41
N ILE B 108 -3.04 -9.07 23.30
CA ILE B 108 -1.90 -8.23 23.00
C ILE B 108 -0.71 -8.75 23.79
N ASN B 109 0.45 -8.83 23.14
CA ASN B 109 1.64 -9.32 23.84
C ASN B 109 2.86 -8.65 23.21
N THR B 110 3.28 -7.52 23.80
CA THR B 110 4.54 -6.88 23.45
C THR B 110 5.31 -6.63 24.74
N GLU B 111 6.58 -6.23 24.59
CA GLU B 111 7.38 -5.87 25.75
C GLU B 111 6.69 -4.82 26.60
N HIS B 112 6.02 -3.88 25.96
CA HIS B 112 5.38 -2.77 26.67
C HIS B 112 3.99 -3.10 27.17
N MET B 113 3.27 -3.99 26.48
CA MET B 113 1.94 -4.43 26.88
C MET B 113 1.98 -5.96 26.91
N PRO B 114 2.61 -6.55 27.91
CA PRO B 114 2.76 -8.01 27.92
C PRO B 114 1.50 -8.73 28.36
N SER B 115 1.24 -9.87 27.72
CA SER B 115 0.27 -10.85 28.17
C SER B 115 -1.05 -10.20 28.60
N MET B 116 -1.66 -9.49 27.67
CA MET B 116 -2.80 -8.65 27.94
C MET B 116 -4.04 -9.18 27.23
N PHE B 117 -5.14 -9.27 27.97
CA PHE B 117 -6.44 -9.66 27.41
C PHE B 117 -7.37 -8.47 27.56
N VAL B 118 -7.88 -7.98 26.44
CA VAL B 118 -8.69 -6.77 26.41
C VAL B 118 -10.05 -7.10 25.80
N PRO B 119 -11.09 -7.29 26.61
CA PRO B 119 -12.44 -7.38 26.05
C PRO B 119 -12.78 -6.09 25.33
N VAL B 120 -13.35 -6.21 24.14
CA VAL B 120 -13.72 -5.06 23.32
C VAL B 120 -15.20 -5.06 22.94
N GLY B 121 -15.97 -6.06 23.33
CA GLY B 121 -17.37 -6.12 22.96
C GLY B 121 -17.53 -6.48 21.51
N ASP B 122 -18.41 -5.75 20.83
CA ASP B 122 -18.83 -6.11 19.48
C ASP B 122 -17.75 -5.82 18.46
N VAL B 123 -17.54 -6.77 17.56
CA VAL B 123 -16.72 -6.58 16.36
C VAL B 123 -17.69 -6.48 15.19
N VAL B 124 -17.69 -5.34 14.52
CA VAL B 124 -18.72 -5.01 13.54
C VAL B 124 -18.07 -4.76 12.18
N GLN B 125 -18.90 -4.74 11.16
CA GLN B 125 -18.44 -4.43 9.81
C GLN B 125 -18.86 -3.02 9.44
N TYR B 126 -18.00 -2.33 8.70
CA TYR B 126 -18.20 -0.94 8.30
C TYR B 126 -18.03 -0.88 6.80
N GLY B 127 -19.05 -0.43 6.07
CA GLY B 127 -18.96 -0.37 4.62
C GLY B 127 -20.08 0.45 4.02
N PHE B 128 -19.91 0.76 2.74
CA PHE B 128 -20.89 1.57 2.02
C PHE B 128 -20.90 1.08 0.57
N LEU B 129 -21.89 1.56 -0.17
CA LEU B 129 -21.98 1.29 -1.59
C LEU B 129 -21.57 2.53 -2.38
N ASN B 130 -20.82 2.31 -3.44
CA ASN B 130 -20.46 3.40 -4.35
C ASN B 130 -21.56 3.58 -5.37
N ARG B 138 -15.19 -3.64 3.01
CA ARG B 138 -15.69 -3.52 4.38
C ARG B 138 -14.53 -3.64 5.36
N THR B 139 -14.60 -2.87 6.45
CA THR B 139 -13.59 -2.90 7.50
C THR B 139 -14.24 -3.44 8.77
N MET B 140 -13.44 -4.08 9.61
N MET B 140 -13.44 -4.15 9.58
CA MET B 140 -13.92 -4.68 10.86
CA MET B 140 -13.88 -4.67 10.87
C MET B 140 -13.44 -3.81 12.02
C MET B 140 -13.46 -3.72 11.98
N MET B 141 -14.37 -3.46 12.91
CA MET B 141 -14.16 -2.41 13.89
C MET B 141 -14.73 -2.79 15.25
N TYR B 142 -14.16 -2.18 16.29
CA TYR B 142 -14.57 -2.43 17.67
C TYR B 142 -14.15 -1.25 18.54
N ASN B 143 -14.87 -1.03 19.62
CA ASN B 143 -14.50 0.03 20.53
C ASN B 143 -13.21 -0.37 21.25
N PHE B 144 -12.18 0.45 21.10
CA PHE B 144 -10.85 0.17 21.64
C PHE B 144 -10.03 1.45 21.51
N PRO B 145 -9.97 2.27 22.55
CA PRO B 145 -9.26 3.55 22.43
C PRO B 145 -7.83 3.37 21.95
N THR B 146 -7.44 4.22 21.00
CA THR B 146 -6.20 4.03 20.29
C THR B 146 -5.02 4.63 21.04
N LYS B 147 -3.90 3.93 20.97
CA LYS B 147 -2.62 4.42 21.47
C LYS B 147 -1.54 3.59 20.79
N ALA B 148 -0.30 4.02 20.96
CA ALA B 148 0.79 3.30 20.32
C ALA B 148 0.91 1.88 20.85
N GLY B 149 1.36 0.98 19.99
CA GLY B 149 1.76 -0.35 20.39
C GLY B 149 0.71 -1.44 20.34
N GLN B 150 -0.42 -1.19 19.70
CA GLN B 150 -1.53 -2.14 19.67
C GLN B 150 -1.50 -3.04 18.44
N CYS B 151 -0.72 -2.72 17.43
CA CYS B 151 -0.83 -3.44 16.17
C CYS B 151 -0.36 -4.88 16.33
N GLY B 152 -1.07 -5.79 15.71
CA GLY B 152 -0.82 -7.18 15.83
C GLY B 152 -1.73 -7.87 16.82
N GLY B 153 -2.42 -7.12 17.67
CA GLY B 153 -3.33 -7.72 18.63
C GLY B 153 -4.24 -8.72 17.96
N VAL B 154 -4.47 -9.85 18.59
CA VAL B 154 -5.21 -10.97 17.99
C VAL B 154 -6.63 -10.90 18.50
N VAL B 155 -7.56 -10.75 17.57
CA VAL B 155 -8.97 -10.62 17.94
C VAL B 155 -9.58 -12.01 18.00
N THR B 156 -10.07 -12.39 19.18
CA THR B 156 -10.64 -13.71 19.42
C THR B 156 -12.10 -13.59 19.83
N SER B 157 -12.88 -14.60 19.49
CA SER B 157 -14.27 -14.65 19.89
C SER B 157 -14.74 -16.09 19.86
N VAL B 158 -15.35 -16.54 20.96
CA VAL B 158 -15.92 -17.87 21.12
C VAL B 158 -15.06 -18.95 20.49
N GLY B 159 -13.80 -18.99 20.91
CA GLY B 159 -12.91 -20.04 20.45
C GLY B 159 -12.40 -19.88 19.04
N LYS B 160 -12.57 -18.72 18.44
CA LYS B 160 -12.12 -18.46 17.08
C LYS B 160 -11.17 -17.27 17.04
N ILE B 161 -10.32 -17.26 16.01
CA ILE B 161 -9.40 -16.17 15.72
C ILE B 161 -9.97 -15.45 14.51
N ILE B 162 -10.53 -14.26 14.75
CA ILE B 162 -11.31 -13.58 13.71
C ILE B 162 -10.62 -12.39 13.08
N GLY B 163 -9.50 -11.90 13.63
CA GLY B 163 -8.89 -10.71 13.07
C GLY B 163 -7.54 -10.44 13.70
N ILE B 164 -6.80 -9.54 13.05
CA ILE B 164 -5.54 -9.00 13.56
C ILE B 164 -5.64 -7.49 13.55
N HIS B 165 -5.41 -6.86 14.70
CA HIS B 165 -5.50 -5.41 14.81
C HIS B 165 -4.45 -4.72 13.95
N ILE B 166 -4.90 -3.76 13.14
CA ILE B 166 -4.00 -3.10 12.19
C ILE B 166 -4.04 -1.59 12.31
N GLY B 167 -4.89 -1.02 13.15
CA GLY B 167 -4.91 0.42 13.30
C GLY B 167 -6.14 0.87 14.06
N GLY B 168 -6.31 2.20 14.12
CA GLY B 168 -7.45 2.75 14.83
C GLY B 168 -7.73 4.16 14.39
N ASN B 169 -8.83 4.69 14.90
CA ASN B 169 -9.21 6.07 14.60
C ASN B 169 -9.25 6.95 15.84
N GLY B 170 -8.70 6.51 16.97
CA GLY B 170 -8.77 7.25 18.21
C GLY B 170 -9.70 6.57 19.21
N ARG B 171 -10.84 6.13 18.73
CA ARG B 171 -11.86 5.51 19.58
C ARG B 171 -12.12 4.06 19.25
N GLN B 172 -12.09 3.72 17.98
CA GLN B 172 -12.25 2.33 17.54
C GLN B 172 -10.94 1.77 17.03
N GLY B 173 -10.78 0.49 17.25
CA GLY B 173 -9.75 -0.27 16.59
C GLY B 173 -10.27 -0.92 15.34
N PHE B 174 -9.37 -1.22 14.42
CA PHE B 174 -9.71 -1.86 13.16
C PHE B 174 -8.84 -3.09 13.02
N CYS B 175 -9.43 -4.20 12.59
CA CYS B 175 -8.67 -5.41 12.35
C CYS B 175 -8.83 -5.91 10.91
N ALA B 176 -7.77 -6.53 10.42
CA ALA B 176 -7.85 -7.35 9.20
C ALA B 176 -8.63 -8.61 9.54
N GLY B 177 -9.82 -8.74 8.99
CA GLY B 177 -10.60 -9.93 9.22
C GLY B 177 -9.94 -11.13 8.59
N LEU B 178 -9.99 -12.26 9.29
CA LEU B 178 -9.33 -13.47 8.84
C LEU B 178 -10.33 -14.51 8.33
N LYS B 179 -9.93 -15.20 7.26
CA LYS B 179 -10.60 -16.39 6.76
C LYS B 179 -9.56 -17.49 6.73
N ARG B 180 -10.01 -18.73 6.97
CA ARG B 180 -9.07 -19.85 7.02
C ARG B 180 -8.31 -20.00 5.71
N SER B 181 -8.95 -19.71 4.57
CA SER B 181 -8.30 -19.91 3.29
C SER B 181 -7.09 -19.01 3.09
N TYR B 182 -7.01 -17.88 3.81
CA TYR B 182 -5.87 -17.01 3.68
C TYR B 182 -4.57 -17.70 4.08
N PHE B 183 -4.64 -18.74 4.90
CA PHE B 183 -3.45 -19.41 5.41
C PHE B 183 -3.27 -20.81 4.82
N ALA B 184 -4.01 -21.15 3.77
CA ALA B 184 -3.90 -22.47 3.17
C ALA B 184 -2.62 -22.54 2.32
N SER B 185 -2.01 -23.72 2.32
CA SER B 185 -0.77 -23.93 1.57
C SER B 185 -1.06 -24.40 0.15
C1 G7F C . -0.40 21.79 -16.74
C2 G7F C . -0.48 21.62 -18.23
C3 G7F C . -1.06 24.03 -18.47
C4 G7F C . -0.71 22.57 -20.43
C5 G7F C . -2.10 22.58 -21.00
C6 G7F C . -4.08 23.27 -21.92
C11 G7F C . -5.13 24.19 -22.50
N G7F C . -0.74 22.68 -18.99
C G7F C . 1.00 22.15 -16.31
O G7F C . -0.24 20.53 -18.77
C10 G7F C . -6.16 23.31 -23.24
C7 G7F C . -4.35 21.84 -21.77
C8 G7F C . -5.58 21.06 -22.14
C9 G7F C . -6.66 22.11 -22.43
N1 G7F C . -2.83 23.60 -21.49
S G7F C . -2.96 21.08 -21.08
H4 G7F C . -1.09 22.57 -16.42
H4 G7F C . -0.69 20.85 -16.25
H5 G7F C . -1.10 24.71 -19.27
H6 G7F C . -0.31 24.33 -17.79
H7 G7F C . -2.00 24.00 -17.98
H8 G7F C . -0.14 23.41 -20.85
H9 G7F C . -0.20 21.65 -20.72
H16 G7F C . -5.62 24.75 -21.71
H17 G7F C . -4.68 24.89 -23.19
H2 G7F C . 1.69 21.55 -16.84
H18 G7F C . 1.17 23.17 -16.56
H14 G7F C . -7.01 23.93 -23.51
H15 G7F C . -5.70 22.94 -24.16
H11 G7F C . -5.40 20.44 -23.01
H10 G7F C . -5.89 20.41 -21.32
H13 G7F C . -7.07 22.47 -21.48
H12 G7F C . -7.47 21.63 -22.98
#